data_1EYW
#
_entry.id   1EYW
#
_cell.length_a   128.620
_cell.length_b   92.330
_cell.length_c   69.850
_cell.angle_alpha   90.00
_cell.angle_beta   90.00
_cell.angle_gamma   90.00
#
_symmetry.space_group_name_H-M   'C 2 2 21'
#
loop_
_entity.id
_entity.type
_entity.pdbx_description
1 polymer PHOSPHOTRIESTERASE
2 non-polymer 'ZINC ION'
3 non-polymer 'TRIETHYL PHOSPHATE'
4 non-polymer 2-PHENYL-ETHANOL
5 water water
#
_entity_poly.entity_id   1
_entity_poly.type   'polypeptide(L)'
_entity_poly.pdbx_seq_one_letter_code
;DRINTVRGPITISEAGFTLTHEHICGSSAGFLRAWPEFFGSRKALAEKAVRGLRRARAAGVRTIVDVSTFDIGRDVSLLA
EVSRAADVHIVAATGLWFDPPLSMRLRSVEELTQFFLREIQYGIEDTGIRAGII(KCX)VATTGKATPFQELVLKAAARA
SLATGVPVTTHTAASQRDGEQQAAIFESEGLSPSRVCIGHSDDTDDLSYLTALAARGYLIGLDHIPHSAIGLEDNASASA
LLGIRSWQTRALLIKALIDQGYMKQILVSNDWLFGFSSYVTNIMDVMDRVNPDGMAFIPLRVIPFLREKGVPQETLAGIT
VTNPARFLSPTLRAS
;
_entity_poly.pdbx_strand_id   A
#
loop_
_chem_comp.id
_chem_comp.type
_chem_comp.name
_chem_comp.formula
PEL non-polymer 2-PHENYL-ETHANOL 'C8 H10 O'
TEN non-polymer 'TRIETHYL PHOSPHATE' 'C6 H15 O4 P'
ZN non-polymer 'ZINC ION' 'Zn 2'
#
# COMPACT_ATOMS: atom_id res chain seq x y z
N ASP A 1 16.21 12.97 3.90
CA ASP A 1 17.51 12.37 3.62
C ASP A 1 17.48 10.87 3.88
N ARG A 2 16.65 10.51 4.85
CA ARG A 2 16.51 9.13 5.28
C ARG A 2 15.06 8.72 5.43
N ILE A 3 14.82 7.45 5.20
CA ILE A 3 13.51 6.87 5.31
C ILE A 3 13.51 5.93 6.50
N ASN A 4 12.48 6.01 7.34
CA ASN A 4 12.38 5.12 8.50
C ASN A 4 11.87 3.74 8.10
N THR A 5 12.57 2.72 8.53
CA THR A 5 12.21 1.33 8.27
C THR A 5 12.07 0.63 9.63
N VAL A 6 11.59 -0.61 9.59
CA VAL A 6 11.40 -1.39 10.80
C VAL A 6 12.72 -1.82 11.41
N ARG A 7 13.78 -1.61 10.64
CA ARG A 7 15.11 -1.94 11.14
C ARG A 7 15.88 -0.64 11.38
N GLY A 8 15.21 0.51 11.24
CA GLY A 8 15.88 1.78 11.45
C GLY A 8 15.88 2.60 10.18
N PRO A 9 16.56 3.75 10.20
CA PRO A 9 16.59 4.60 9.03
C PRO A 9 17.54 4.14 7.93
N ILE A 10 17.18 4.35 6.67
CA ILE A 10 18.05 3.98 5.58
C ILE A 10 18.16 5.21 4.70
N THR A 11 19.16 5.27 3.85
CA THR A 11 19.26 6.41 2.98
C THR A 11 18.37 6.15 1.79
N ILE A 12 17.99 7.21 1.14
CA ILE A 12 17.15 7.09 -0.01
C ILE A 12 17.70 6.12 -1.05
N SER A 13 18.99 6.20 -1.28
CA SER A 13 19.61 5.34 -2.26
C SER A 13 19.63 3.89 -1.88
N GLU A 14 19.40 3.59 -0.59
CA GLU A 14 19.40 2.20 -0.17
C GLU A 14 18.07 1.51 -0.48
N ALA A 15 17.00 2.28 -0.73
CA ALA A 15 15.66 1.74 -1.04
C ALA A 15 15.61 0.82 -2.26
N GLY A 16 16.22 1.27 -3.36
CA GLY A 16 16.23 0.50 -4.58
C GLY A 16 14.79 0.22 -5.05
N PHE A 17 14.64 -0.93 -5.72
CA PHE A 17 13.38 -1.40 -6.26
C PHE A 17 12.39 -1.54 -5.11
N THR A 18 11.34 -0.72 -5.09
CA THR A 18 10.38 -0.78 -3.97
C THR A 18 8.95 -1.02 -4.36
N LEU A 19 8.26 -1.90 -3.62
CA LEU A 19 6.85 -2.21 -3.84
C LEU A 19 6.15 -1.34 -2.81
N THR A 20 5.36 -0.36 -3.29
CA THR A 20 4.68 0.62 -2.45
C THR A 20 3.39 0.32 -1.73
N HIS A 21 2.74 -0.80 -1.99
CA HIS A 21 1.49 -1.11 -1.31
C HIS A 21 1.41 -2.61 -1.12
N GLU A 22 1.84 -3.08 0.06
CA GLU A 22 1.83 -4.50 0.34
C GLU A 22 1.47 -4.71 1.79
N HIS A 23 1.38 -5.96 2.19
CA HIS A 23 1.07 -6.29 3.58
C HIS A 23 1.72 -7.60 3.92
N ILE A 24 2.18 -7.73 5.14
CA ILE A 24 2.75 -9.01 5.49
C ILE A 24 1.53 -9.87 5.85
N CYS A 25 0.62 -9.25 6.59
CA CYS A 25 -0.60 -9.92 7.01
C CYS A 25 -1.81 -8.99 7.04
N GLY A 26 -2.98 -9.42 6.54
CA GLY A 26 -4.21 -8.61 6.56
C GLY A 26 -5.06 -9.18 7.69
N SER A 27 -5.14 -8.44 8.80
CA SER A 27 -5.88 -8.93 9.95
C SER A 27 -6.60 -7.80 10.69
N SER A 28 -6.61 -7.89 12.03
CA SER A 28 -7.29 -6.87 12.81
C SER A 28 -6.49 -6.60 14.06
N ALA A 29 -6.64 -5.42 14.67
CA ALA A 29 -5.90 -5.11 15.89
C ALA A 29 -6.07 -6.22 16.93
N GLY A 30 -4.95 -6.61 17.52
CA GLY A 30 -4.91 -7.65 18.56
C GLY A 30 -5.10 -9.11 18.17
N PHE A 31 -5.58 -9.34 16.95
CA PHE A 31 -5.87 -10.66 16.45
C PHE A 31 -4.74 -11.66 16.39
N LEU A 32 -3.64 -11.21 15.82
CA LEU A 32 -2.48 -12.06 15.69
C LEU A 32 -2.02 -12.55 17.07
N ARG A 33 -2.04 -11.68 18.08
CA ARG A 33 -1.61 -12.13 19.41
C ARG A 33 -2.63 -13.02 20.10
N ALA A 34 -3.90 -12.76 19.85
CA ALA A 34 -4.93 -13.54 20.49
C ALA A 34 -5.27 -14.91 19.89
N TRP A 35 -5.12 -15.05 18.56
CA TRP A 35 -5.44 -16.29 17.85
C TRP A 35 -4.50 -16.62 16.69
N PRO A 36 -3.21 -16.84 17.01
CA PRO A 36 -2.18 -17.14 16.01
C PRO A 36 -2.46 -18.41 15.20
N GLU A 37 -3.12 -19.33 15.86
CA GLU A 37 -3.47 -20.60 15.26
C GLU A 37 -4.38 -20.40 14.08
N PHE A 38 -5.01 -19.24 14.00
CA PHE A 38 -5.89 -19.02 12.85
C PHE A 38 -5.03 -19.11 11.58
N PHE A 39 -3.72 -18.80 11.73
CA PHE A 39 -2.77 -18.84 10.62
C PHE A 39 -1.85 -20.06 10.69
N GLY A 40 -2.24 -21.11 11.41
CA GLY A 40 -1.38 -22.26 11.55
C GLY A 40 -0.69 -21.97 12.85
N SER A 41 0.19 -20.98 12.81
CA SER A 41 0.88 -20.54 13.99
C SER A 41 1.58 -19.27 13.62
N ARG A 42 2.07 -18.57 14.62
CA ARG A 42 2.79 -17.35 14.32
C ARG A 42 4.04 -17.69 13.50
N LYS A 43 4.70 -18.78 13.91
CA LYS A 43 5.89 -19.25 13.27
C LYS A 43 5.68 -19.57 11.80
N ALA A 44 4.63 -20.30 11.50
CA ALA A 44 4.29 -20.68 10.15
C ALA A 44 4.04 -19.47 9.30
N LEU A 45 3.38 -18.46 9.87
CA LEU A 45 3.10 -17.24 9.13
C LEU A 45 4.41 -16.54 8.81
N ALA A 46 5.29 -16.43 9.80
CA ALA A 46 6.58 -15.77 9.62
C ALA A 46 7.44 -16.47 8.55
N GLU A 47 7.42 -17.80 8.59
CA GLU A 47 8.20 -18.55 7.62
C GLU A 47 7.68 -18.36 6.23
N LYS A 48 6.35 -18.33 6.14
CA LYS A 48 5.74 -18.15 4.85
C LYS A 48 6.13 -16.81 4.27
N ALA A 49 6.10 -15.79 5.12
CA ALA A 49 6.46 -14.43 4.73
C ALA A 49 7.92 -14.31 4.33
N VAL A 50 8.79 -14.95 5.10
CA VAL A 50 10.21 -14.91 4.80
C VAL A 50 10.47 -15.56 3.45
N ARG A 51 9.83 -16.71 3.22
CA ARG A 51 10.03 -17.37 1.96
C ARG A 51 9.56 -16.46 0.81
N GLY A 52 8.41 -15.84 0.99
CA GLY A 52 7.88 -14.98 -0.06
C GLY A 52 8.77 -13.77 -0.34
N LEU A 53 9.23 -13.14 0.72
CA LEU A 53 10.09 -11.95 0.63
C LEU A 53 11.44 -12.29 -0.04
N ARG A 54 11.99 -13.48 0.30
CA ARG A 54 13.25 -13.94 -0.29
C ARG A 54 13.08 -14.19 -1.81
N ARG A 55 11.93 -14.71 -2.21
CA ARG A 55 11.70 -14.93 -3.62
C ARG A 55 11.58 -13.58 -4.28
N ALA A 56 10.95 -12.62 -3.61
CA ALA A 56 10.81 -11.31 -4.23
C ALA A 56 12.16 -10.64 -4.37
N ARG A 57 13.00 -10.83 -3.36
CA ARG A 57 14.33 -10.24 -3.36
C ARG A 57 15.16 -10.83 -4.50
N ALA A 58 14.99 -12.13 -4.70
CA ALA A 58 15.69 -12.81 -5.77
C ALA A 58 15.38 -12.14 -7.11
N ALA A 59 14.13 -11.71 -7.25
CA ALA A 59 13.63 -11.05 -8.44
C ALA A 59 14.07 -9.59 -8.53
N GLY A 60 14.71 -9.04 -7.50
CA GLY A 60 15.16 -7.65 -7.60
C GLY A 60 14.55 -6.67 -6.61
N VAL A 61 13.54 -7.11 -5.87
CA VAL A 61 12.90 -6.22 -4.90
C VAL A 61 13.80 -5.96 -3.68
N ARG A 62 13.99 -4.70 -3.31
CA ARG A 62 14.82 -4.36 -2.17
C ARG A 62 14.03 -3.92 -0.97
N THR A 63 12.93 -3.21 -1.23
CA THR A 63 12.06 -2.68 -0.17
C THR A 63 10.56 -2.85 -0.47
N ILE A 64 9.79 -3.03 0.59
CA ILE A 64 8.34 -3.13 0.49
C ILE A 64 7.78 -2.17 1.53
N VAL A 65 6.65 -1.56 1.21
CA VAL A 65 6.00 -0.65 2.12
C VAL A 65 4.81 -1.45 2.65
N ASP A 66 4.78 -1.76 3.94
CA ASP A 66 3.65 -2.50 4.46
C ASP A 66 2.64 -1.42 4.91
N VAL A 67 1.49 -1.30 4.23
CA VAL A 67 0.51 -0.30 4.54
C VAL A 67 -0.54 -0.74 5.55
N SER A 68 -0.23 -1.73 6.36
CA SER A 68 -1.14 -2.17 7.37
C SER A 68 -1.14 -1.16 8.49
N THR A 69 -2.30 -0.69 8.86
CA THR A 69 -2.46 0.27 9.93
C THR A 69 -2.83 -0.54 11.20
N PHE A 70 -3.01 0.17 12.30
CA PHE A 70 -3.41 -0.43 13.56
C PHE A 70 -4.63 -1.37 13.35
N ASP A 71 -5.66 -0.87 12.64
CA ASP A 71 -6.89 -1.63 12.38
C ASP A 71 -6.79 -2.80 11.41
N ILE A 72 -5.64 -2.88 10.74
CA ILE A 72 -5.34 -3.96 9.82
C ILE A 72 -4.58 -5.00 10.66
N GLY A 73 -4.43 -4.75 11.97
CA GLY A 73 -3.75 -5.69 12.86
C GLY A 73 -2.23 -5.71 12.69
N ARG A 74 -1.66 -4.60 12.17
CA ARG A 74 -0.24 -4.43 11.97
C ARG A 74 0.53 -4.86 13.24
N ASP A 75 1.52 -5.75 13.11
CA ASP A 75 2.34 -6.20 14.23
C ASP A 75 3.80 -5.89 13.85
N VAL A 76 4.29 -4.71 14.28
CA VAL A 76 5.65 -4.31 13.89
C VAL A 76 6.76 -5.24 14.27
N SER A 77 6.54 -5.98 15.34
CA SER A 77 7.56 -6.91 15.76
C SER A 77 7.68 -8.03 14.72
N LEU A 78 6.53 -8.42 14.16
CA LEU A 78 6.52 -9.44 13.13
C LEU A 78 7.25 -8.90 11.93
N LEU A 79 6.92 -7.64 11.60
CA LEU A 79 7.55 -6.98 10.47
C LEU A 79 9.06 -6.93 10.67
N ALA A 80 9.50 -6.53 11.86
CA ALA A 80 10.93 -6.48 12.10
C ALA A 80 11.57 -7.85 11.97
N GLU A 81 10.95 -8.87 12.50
CA GLU A 81 11.52 -10.22 12.41
C GLU A 81 11.73 -10.71 10.98
N VAL A 82 10.69 -10.55 10.20
CA VAL A 82 10.70 -10.97 8.83
C VAL A 82 11.64 -10.13 7.97
N SER A 83 11.77 -8.81 8.26
CA SER A 83 12.66 -7.95 7.49
C SER A 83 14.12 -8.42 7.66
N ARG A 84 14.45 -8.74 8.90
CA ARG A 84 15.78 -9.23 9.24
C ARG A 84 16.09 -10.59 8.61
N ALA A 85 15.18 -11.52 8.71
CA ALA A 85 15.37 -12.85 8.16
C ALA A 85 15.43 -12.89 6.65
N ALA A 86 14.68 -12.03 5.98
CA ALA A 86 14.64 -12.01 4.52
C ALA A 86 15.61 -11.03 3.89
N ASP A 87 16.09 -10.10 4.71
CA ASP A 87 16.99 -9.07 4.25
C ASP A 87 16.30 -8.16 3.23
N VAL A 88 15.10 -7.73 3.57
CA VAL A 88 14.35 -6.86 2.70
C VAL A 88 13.93 -5.72 3.59
N HIS A 89 14.07 -4.49 3.11
CA HIS A 89 13.66 -3.36 3.96
C HIS A 89 12.15 -3.29 3.98
N ILE A 90 11.58 -2.94 5.13
CA ILE A 90 10.14 -2.83 5.24
C ILE A 90 9.79 -1.51 5.92
N VAL A 91 8.98 -0.71 5.24
CA VAL A 91 8.52 0.55 5.78
C VAL A 91 7.13 0.28 6.38
N ALA A 92 6.96 0.72 7.62
CA ALA A 92 5.73 0.58 8.38
C ALA A 92 4.86 1.84 8.25
N ALA A 93 3.58 1.66 8.54
CA ALA A 93 2.66 2.77 8.41
C ALA A 93 1.87 3.09 9.65
N THR A 94 1.29 4.29 9.63
CA THR A 94 0.38 4.78 10.65
C THR A 94 -0.92 5.06 9.83
N GLY A 95 -1.92 5.67 10.42
CA GLY A 95 -3.17 5.95 9.72
C GLY A 95 -4.24 5.03 10.22
N LEU A 96 -5.38 5.05 9.52
CA LEU A 96 -6.47 4.18 9.90
C LEU A 96 -7.12 3.69 8.62
N TRP A 97 -7.55 2.43 8.62
CA TRP A 97 -8.22 1.81 7.47
C TRP A 97 -9.72 1.82 7.69
N PHE A 98 -10.47 0.86 7.19
CA PHE A 98 -11.90 0.97 7.43
C PHE A 98 -12.53 0.11 8.52
N ASP A 99 -11.78 -0.35 9.47
CA ASP A 99 -12.33 -1.15 10.54
C ASP A 99 -11.87 -0.63 11.91
N PRO A 100 -11.98 0.67 12.14
CA PRO A 100 -11.57 1.23 13.41
C PRO A 100 -12.50 0.82 14.55
N PRO A 101 -11.98 0.50 15.73
CA PRO A 101 -12.85 0.13 16.86
C PRO A 101 -13.39 1.41 17.52
N LEU A 102 -14.34 1.27 18.42
CA LEU A 102 -14.91 2.42 19.08
C LEU A 102 -13.94 3.41 19.69
N SER A 103 -12.89 2.90 20.33
CA SER A 103 -11.90 3.77 20.96
C SER A 103 -11.27 4.73 19.94
N MET A 104 -11.31 4.38 18.64
CA MET A 104 -10.74 5.27 17.62
C MET A 104 -11.84 6.13 16.99
N ARG A 105 -12.94 5.48 16.76
CA ARG A 105 -14.11 6.09 16.12
C ARG A 105 -14.67 7.27 16.86
N LEU A 106 -14.50 7.28 18.16
CA LEU A 106 -15.03 8.37 18.96
C LEU A 106 -14.04 9.56 19.12
N ARG A 107 -12.85 9.47 18.51
CA ARG A 107 -11.85 10.54 18.64
C ARG A 107 -12.03 11.71 17.69
N SER A 108 -11.57 12.88 18.14
CA SER A 108 -11.65 14.12 17.37
C SER A 108 -10.49 14.21 16.39
N VAL A 109 -10.59 15.13 15.44
CA VAL A 109 -9.50 15.25 14.49
C VAL A 109 -8.19 15.58 15.23
N GLU A 110 -8.30 16.35 16.30
CA GLU A 110 -7.11 16.72 17.07
C GLU A 110 -6.48 15.51 17.75
N GLU A 111 -7.30 14.66 18.32
CA GLU A 111 -6.76 13.49 18.98
C GLU A 111 -6.15 12.55 17.97
N LEU A 112 -6.83 12.37 16.82
CA LEU A 112 -6.32 11.48 15.79
C LEU A 112 -4.94 11.95 15.30
N THR A 113 -4.78 13.26 15.14
CA THR A 113 -3.50 13.82 14.69
C THR A 113 -2.36 13.45 15.64
N GLN A 114 -2.68 13.54 16.93
CA GLN A 114 -1.72 13.23 17.98
C GLN A 114 -1.29 11.77 17.86
N PHE A 115 -2.28 10.88 17.65
CA PHE A 115 -1.99 9.45 17.50
C PHE A 115 -1.10 9.20 16.29
N PHE A 116 -1.40 9.83 15.15
CA PHE A 116 -0.55 9.61 13.97
C PHE A 116 0.87 10.16 14.20
N LEU A 117 0.95 11.33 14.83
CA LEU A 117 2.24 11.95 15.12
C LEU A 117 3.04 11.04 16.04
N ARG A 118 2.32 10.45 16.99
CA ARG A 118 2.97 9.55 17.92
C ARG A 118 3.71 8.41 17.20
N GLU A 119 3.00 7.71 16.31
CA GLU A 119 3.55 6.60 15.58
C GLU A 119 4.70 6.98 14.63
N ILE A 120 4.64 8.19 14.12
CA ILE A 120 5.65 8.69 13.21
C ILE A 120 6.88 9.25 13.96
N GLN A 121 6.65 10.03 15.01
CA GLN A 121 7.73 10.65 15.76
C GLN A 121 8.26 9.89 16.98
N TYR A 122 7.37 9.30 17.75
CA TYR A 122 7.79 8.59 18.94
C TYR A 122 8.05 7.13 18.64
N GLY A 123 7.18 6.47 17.90
CA GLY A 123 7.39 5.07 17.60
C GLY A 123 6.08 4.35 17.81
N ILE A 124 6.00 3.15 17.25
CA ILE A 124 4.81 2.36 17.34
C ILE A 124 4.84 1.50 18.58
N GLU A 125 3.77 1.62 19.38
CA GLU A 125 3.64 0.91 20.64
C GLU A 125 4.89 1.26 21.45
N ASP A 126 5.56 0.28 22.03
CA ASP A 126 6.78 0.57 22.79
C ASP A 126 8.02 0.06 22.06
N THR A 127 7.94 -0.07 20.75
CA THR A 127 9.05 -0.59 19.98
C THR A 127 10.03 0.43 19.51
N GLY A 128 9.69 1.68 19.55
CA GLY A 128 10.66 2.62 19.05
C GLY A 128 10.72 2.66 17.51
N ILE A 129 9.96 1.81 16.81
CA ILE A 129 9.92 1.77 15.36
C ILE A 129 9.00 2.89 14.86
N ARG A 130 9.52 3.76 14.01
CA ARG A 130 8.73 4.87 13.51
C ARG A 130 8.11 4.61 12.13
N ALA A 131 6.86 5.04 11.95
CA ALA A 131 6.16 4.84 10.67
C ALA A 131 6.76 5.77 9.62
N GLY A 132 6.75 5.30 8.36
CA GLY A 132 7.30 6.07 7.26
C GLY A 132 6.23 6.51 6.24
N ILE A 133 4.98 6.21 6.52
CA ILE A 133 3.88 6.58 5.61
C ILE A 133 2.58 6.59 6.42
N ILE A 134 1.59 7.33 5.92
CA ILE A 134 0.30 7.43 6.57
C ILE A 134 -0.73 6.82 5.61
N KCX A 135 -1.45 5.83 6.08
CA KCX A 135 -2.44 5.15 5.27
CB KCX A 135 -2.21 3.63 5.37
CG KCX A 135 -3.39 2.80 4.83
CD KCX A 135 -3.48 2.86 3.32
CE KCX A 135 -4.58 1.96 2.78
NZ KCX A 135 -4.30 0.55 3.04
C KCX A 135 -3.86 5.52 5.69
O KCX A 135 -4.19 5.54 6.88
CX KCX A 135 -4.93 -0.48 2.23
OQ1 KCX A 135 -5.75 -0.23 1.34
OQ2 KCX A 135 -4.41 -1.66 2.51
N VAL A 136 -4.70 5.83 4.70
CA VAL A 136 -6.10 6.20 4.94
C VAL A 136 -7.00 5.47 3.95
N ALA A 137 -8.32 5.47 4.20
CA ALA A 137 -9.21 4.78 3.29
C ALA A 137 -10.64 5.29 3.31
N THR A 138 -11.30 5.06 2.20
CA THR A 138 -12.69 5.35 1.96
C THR A 138 -13.14 4.20 1.07
N THR A 139 -14.43 3.93 1.10
CA THR A 139 -14.99 2.88 0.24
C THR A 139 -16.25 3.51 -0.29
N GLY A 140 -16.12 4.53 -1.14
CA GLY A 140 -17.26 5.23 -1.67
C GLY A 140 -17.30 6.54 -0.91
N LYS A 141 -18.45 7.21 -0.85
CA LYS A 141 -18.56 8.50 -0.12
C LYS A 141 -18.00 8.40 1.29
N ALA A 142 -17.14 9.33 1.64
CA ALA A 142 -16.55 9.29 2.96
C ALA A 142 -17.55 9.47 4.08
N THR A 143 -17.36 8.72 5.14
CA THR A 143 -18.21 8.87 6.29
C THR A 143 -17.69 10.09 7.04
N PRO A 144 -18.48 10.61 7.95
CA PRO A 144 -18.00 11.77 8.69
C PRO A 144 -16.71 11.45 9.44
N PHE A 145 -16.60 10.22 9.91
CA PHE A 145 -15.39 9.86 10.61
C PHE A 145 -14.26 9.76 9.61
N GLN A 146 -14.52 9.18 8.46
CA GLN A 146 -13.47 9.09 7.50
C GLN A 146 -12.98 10.45 7.13
N GLU A 147 -13.87 11.46 7.16
CA GLU A 147 -13.39 12.79 6.84
C GLU A 147 -12.38 13.28 7.89
N LEU A 148 -12.64 12.95 9.16
CA LEU A 148 -11.74 13.37 10.25
C LEU A 148 -10.39 12.72 10.05
N VAL A 149 -10.42 11.42 9.68
CA VAL A 149 -9.20 10.64 9.43
C VAL A 149 -8.35 11.28 8.36
N LEU A 150 -8.96 11.65 7.22
CA LEU A 150 -8.23 12.30 6.12
C LEU A 150 -7.63 13.64 6.53
N LYS A 151 -8.35 14.43 7.34
CA LYS A 151 -7.83 15.71 7.80
C LYS A 151 -6.63 15.53 8.72
N ALA A 152 -6.76 14.59 9.66
CA ALA A 152 -5.68 14.28 10.62
C ALA A 152 -4.43 13.77 9.88
N ALA A 153 -4.66 12.98 8.84
CA ALA A 153 -3.55 12.46 8.04
C ALA A 153 -2.85 13.62 7.33
N ALA A 154 -3.66 14.53 6.79
CA ALA A 154 -3.07 15.69 6.11
C ALA A 154 -2.27 16.50 7.13
N ARG A 155 -2.83 16.70 8.33
CA ARG A 155 -2.09 17.45 9.34
C ARG A 155 -0.80 16.80 9.75
N ALA A 156 -0.82 15.49 10.00
CA ALA A 156 0.41 14.81 10.37
C ALA A 156 1.43 14.87 9.21
N SER A 157 0.95 14.75 7.99
CA SER A 157 1.83 14.81 6.84
C SER A 157 2.49 16.15 6.75
N LEU A 158 1.70 17.19 6.93
CA LEU A 158 2.20 18.55 6.88
C LEU A 158 3.30 18.80 7.89
N ALA A 159 3.11 18.30 9.11
CA ALA A 159 4.12 18.50 10.17
C ALA A 159 5.40 17.68 10.03
N THR A 160 5.25 16.48 9.48
CA THR A 160 6.39 15.57 9.35
C THR A 160 7.06 15.36 8.00
N GLY A 161 6.38 15.67 6.91
CA GLY A 161 6.92 15.47 5.57
C GLY A 161 6.63 14.05 5.01
N VAL A 162 6.10 13.16 5.87
CA VAL A 162 5.78 11.77 5.51
C VAL A 162 4.61 11.71 4.50
N PRO A 163 4.70 10.85 3.47
CA PRO A 163 3.62 10.80 2.51
C PRO A 163 2.35 10.14 3.01
N VAL A 164 1.30 10.34 2.21
CA VAL A 164 -0.01 9.76 2.49
C VAL A 164 -0.37 8.83 1.32
N THR A 165 -0.92 7.65 1.63
CA THR A 165 -1.32 6.69 0.62
C THR A 165 -2.73 6.24 0.94
N THR A 166 -3.55 6.04 -0.09
CA THR A 166 -4.91 5.68 0.23
C THR A 166 -5.47 4.44 -0.42
N HIS A 167 -6.57 4.03 0.15
CA HIS A 167 -7.35 2.91 -0.33
C HIS A 167 -8.58 3.62 -0.93
N THR A 168 -9.03 3.21 -2.12
CA THR A 168 -10.21 3.82 -2.71
C THR A 168 -11.09 2.75 -3.35
N ALA A 169 -12.35 3.13 -3.63
CA ALA A 169 -13.33 2.33 -4.35
C ALA A 169 -13.14 3.14 -5.64
N ALA A 170 -12.18 2.74 -6.49
CA ALA A 170 -11.87 3.51 -7.70
C ALA A 170 -13.03 3.80 -8.63
N SER A 171 -13.87 2.78 -8.77
CA SER A 171 -15.04 2.85 -9.64
C SER A 171 -15.99 3.93 -9.19
N GLN A 172 -15.87 4.32 -7.92
CA GLN A 172 -16.70 5.37 -7.41
C GLN A 172 -16.00 6.69 -7.41
N ARG A 173 -14.80 6.70 -7.97
CA ARG A 173 -14.01 7.92 -8.05
C ARG A 173 -13.69 8.54 -6.68
N ASP A 174 -13.50 7.71 -5.64
CA ASP A 174 -13.18 8.21 -4.31
C ASP A 174 -12.01 9.18 -4.30
N GLY A 175 -11.09 8.98 -5.25
CA GLY A 175 -9.90 9.82 -5.36
C GLY A 175 -10.23 11.30 -5.37
N GLU A 176 -11.33 11.63 -6.05
CA GLU A 176 -11.75 13.02 -6.15
C GLU A 176 -12.10 13.63 -4.80
N GLN A 177 -12.84 12.88 -4.00
CA GLN A 177 -13.24 13.32 -2.70
C GLN A 177 -12.04 13.44 -1.74
N GLN A 178 -11.14 12.45 -1.79
CA GLN A 178 -9.97 12.47 -0.94
C GLN A 178 -9.11 13.72 -1.28
N ALA A 179 -8.86 13.94 -2.56
CA ALA A 179 -8.08 15.09 -3.00
C ALA A 179 -8.65 16.39 -2.48
N ALA A 180 -9.95 16.51 -2.58
CA ALA A 180 -10.55 17.72 -2.12
C ALA A 180 -10.31 17.95 -0.62
N ILE A 181 -10.40 16.90 0.17
CA ILE A 181 -10.18 17.09 1.59
C ILE A 181 -8.74 17.45 1.89
N PHE A 182 -7.84 16.71 1.28
CA PHE A 182 -6.42 16.96 1.48
C PHE A 182 -6.04 18.38 1.09
N GLU A 183 -6.54 18.83 -0.04
CA GLU A 183 -6.24 20.17 -0.51
C GLU A 183 -6.78 21.24 0.41
N SER A 184 -7.93 20.95 0.96
CA SER A 184 -8.52 21.90 1.86
C SER A 184 -7.66 22.04 3.09
N GLU A 185 -6.81 21.06 3.39
CA GLU A 185 -5.95 21.15 4.55
C GLU A 185 -4.60 21.72 4.18
N GLY A 186 -4.43 21.97 2.87
CA GLY A 186 -3.20 22.54 2.37
C GLY A 186 -2.13 21.55 2.03
N LEU A 187 -2.47 20.28 1.90
CA LEU A 187 -1.49 19.28 1.58
C LEU A 187 -1.21 19.30 0.09
N SER A 188 0.05 19.15 -0.28
CA SER A 188 0.45 19.14 -1.67
C SER A 188 0.15 17.75 -2.32
N PRO A 189 -0.46 17.72 -3.52
CA PRO A 189 -0.77 16.46 -4.19
C PRO A 189 0.38 15.49 -4.33
N SER A 190 1.58 16.03 -4.48
CA SER A 190 2.78 15.25 -4.64
C SER A 190 3.14 14.43 -3.41
N ARG A 191 2.44 14.63 -2.29
CA ARG A 191 2.71 13.87 -1.08
C ARG A 191 1.65 12.79 -0.94
N VAL A 192 0.79 12.66 -1.96
CA VAL A 192 -0.29 11.69 -1.89
C VAL A 192 -0.39 10.70 -3.04
N CYS A 193 -0.62 9.45 -2.67
CA CYS A 193 -0.80 8.35 -3.61
C CYS A 193 -2.24 7.84 -3.50
N ILE A 194 -2.95 7.91 -4.61
CA ILE A 194 -4.34 7.44 -4.66
C ILE A 194 -4.27 6.00 -5.14
N GLY A 195 -4.45 5.06 -4.19
CA GLY A 195 -4.35 3.63 -4.48
C GLY A 195 -5.58 2.93 -5.06
N HIS A 196 -5.33 1.65 -5.44
CA HIS A 196 -6.29 0.74 -6.05
C HIS A 196 -6.84 1.36 -7.32
N SER A 197 -6.05 2.22 -7.93
CA SER A 197 -6.45 2.93 -9.13
C SER A 197 -6.64 2.09 -10.38
N ASP A 198 -6.05 0.91 -10.41
CA ASP A 198 -6.19 0.04 -11.57
C ASP A 198 -7.51 -0.70 -11.51
N ASP A 199 -8.26 -0.44 -10.42
CA ASP A 199 -9.54 -1.10 -10.24
C ASP A 199 -10.58 -0.48 -11.18
N THR A 200 -10.21 0.58 -11.86
CA THR A 200 -11.14 1.22 -12.77
C THR A 200 -10.60 1.26 -14.19
N ASP A 201 -11.52 1.27 -15.18
CA ASP A 201 -11.12 1.36 -16.59
C ASP A 201 -11.24 2.80 -17.09
N ASP A 202 -11.69 3.69 -16.22
CA ASP A 202 -11.87 5.10 -16.55
C ASP A 202 -10.61 5.94 -16.50
N LEU A 203 -9.92 5.96 -17.61
CA LEU A 203 -8.69 6.70 -17.76
C LEU A 203 -8.89 8.20 -17.57
N SER A 204 -10.07 8.72 -17.88
CA SER A 204 -10.36 10.13 -17.73
C SER A 204 -10.24 10.52 -16.25
N TYR A 205 -10.73 9.65 -15.38
CA TYR A 205 -10.64 9.90 -13.94
C TYR A 205 -9.16 9.90 -13.49
N LEU A 206 -8.41 8.92 -13.97
CA LEU A 206 -6.99 8.80 -13.61
C LEU A 206 -6.14 9.93 -14.14
N THR A 207 -6.29 10.28 -15.42
CA THR A 207 -5.47 11.37 -15.94
C THR A 207 -5.77 12.71 -15.28
N ALA A 208 -7.04 12.90 -14.87
CA ALA A 208 -7.45 14.12 -14.20
C ALA A 208 -6.72 14.32 -12.88
N LEU A 209 -6.62 13.25 -12.08
CA LEU A 209 -5.92 13.30 -10.81
C LEU A 209 -4.43 13.47 -11.04
N ALA A 210 -3.89 12.72 -12.02
CA ALA A 210 -2.49 12.82 -12.32
C ALA A 210 -2.13 14.25 -12.74
N ALA A 211 -3.00 14.85 -13.51
CA ALA A 211 -2.75 16.22 -13.97
C ALA A 211 -2.62 17.18 -12.81
N ARG A 212 -3.27 16.86 -11.69
CA ARG A 212 -3.23 17.69 -10.51
C ARG A 212 -2.01 17.44 -9.63
N GLY A 213 -1.19 16.50 -10.03
CA GLY A 213 -0.02 16.26 -9.23
C GLY A 213 -0.06 15.02 -8.34
N TYR A 214 -1.19 14.34 -8.27
CA TYR A 214 -1.29 13.16 -7.43
C TYR A 214 -0.55 11.99 -7.97
N LEU A 215 -0.12 11.10 -7.06
CA LEU A 215 0.54 9.91 -7.53
C LEU A 215 -0.61 8.93 -7.66
N ILE A 216 -0.54 8.09 -8.68
CA ILE A 216 -1.53 7.10 -8.98
C ILE A 216 -1.01 5.71 -8.64
N GLY A 217 -1.65 5.04 -7.71
CA GLY A 217 -1.19 3.71 -7.34
C GLY A 217 -1.90 2.61 -8.10
N LEU A 218 -1.14 1.93 -8.94
CA LEU A 218 -1.65 0.79 -9.73
C LEU A 218 -1.08 -0.41 -9.00
N ASP A 219 -1.81 -0.75 -7.97
CA ASP A 219 -1.41 -1.82 -7.07
C ASP A 219 -2.25 -3.07 -6.97
N HIS A 220 -3.18 -3.34 -7.89
CA HIS A 220 -3.99 -4.54 -7.82
C HIS A 220 -3.77 -5.40 -9.05
N ILE A 221 -2.65 -5.19 -9.69
CA ILE A 221 -2.32 -5.91 -10.91
C ILE A 221 -2.65 -7.40 -10.97
N PRO A 222 -2.18 -8.20 -10.00
CA PRO A 222 -2.45 -9.62 -10.06
C PRO A 222 -3.82 -10.02 -9.53
N HIS A 223 -4.63 -9.02 -9.10
CA HIS A 223 -5.97 -9.28 -8.54
C HIS A 223 -6.96 -9.68 -9.64
N SER A 224 -7.29 -10.96 -9.71
CA SER A 224 -8.22 -11.38 -10.76
C SER A 224 -8.81 -12.74 -10.45
N ALA A 225 -10.17 -12.85 -10.55
CA ALA A 225 -10.90 -14.10 -10.29
C ALA A 225 -11.24 -14.85 -11.59
N ILE A 226 -10.58 -14.50 -12.67
CA ILE A 226 -10.83 -15.16 -13.93
C ILE A 226 -10.51 -16.64 -13.75
N GLY A 227 -11.45 -17.51 -14.09
CA GLY A 227 -11.24 -18.94 -13.93
C GLY A 227 -11.88 -19.42 -12.62
N LEU A 228 -12.32 -18.45 -11.83
CA LEU A 228 -12.96 -18.73 -10.56
C LEU A 228 -14.28 -18.02 -10.42
N GLU A 229 -14.95 -17.76 -11.53
CA GLU A 229 -16.23 -17.09 -11.45
C GLU A 229 -17.18 -17.91 -10.58
N ASP A 230 -16.81 -19.19 -10.46
CA ASP A 230 -17.47 -20.22 -9.68
C ASP A 230 -17.60 -19.80 -8.22
N ASN A 231 -16.57 -19.08 -7.77
CA ASN A 231 -16.40 -18.59 -6.43
C ASN A 231 -16.83 -17.17 -6.17
N ALA A 232 -18.01 -17.03 -5.59
CA ALA A 232 -18.50 -15.70 -5.33
C ALA A 232 -17.65 -14.82 -4.46
N SER A 233 -17.13 -15.40 -3.38
CA SER A 233 -16.34 -14.59 -2.50
C SER A 233 -15.07 -14.08 -3.15
N ALA A 234 -14.38 -14.97 -3.88
CA ALA A 234 -13.17 -14.60 -4.56
C ALA A 234 -13.48 -13.59 -5.63
N SER A 235 -14.58 -13.83 -6.32
CA SER A 235 -15.00 -12.95 -7.37
C SER A 235 -15.28 -11.54 -6.83
N ALA A 236 -15.99 -11.44 -5.71
CA ALA A 236 -16.29 -10.12 -5.17
C ALA A 236 -15.02 -9.40 -4.78
N LEU A 237 -14.07 -10.11 -4.23
CA LEU A 237 -12.82 -9.49 -3.83
C LEU A 237 -11.87 -9.08 -4.98
N LEU A 238 -11.60 -9.99 -5.90
CA LEU A 238 -10.66 -9.78 -6.99
C LEU A 238 -11.12 -9.22 -8.31
N GLY A 239 -12.41 -9.32 -8.58
CA GLY A 239 -12.89 -8.80 -9.84
C GLY A 239 -12.67 -9.79 -10.97
N ILE A 240 -13.18 -9.45 -12.13
CA ILE A 240 -13.05 -10.32 -13.26
C ILE A 240 -12.30 -9.71 -14.41
N ARG A 241 -11.52 -8.69 -14.11
CA ARG A 241 -10.71 -8.06 -15.12
C ARG A 241 -9.37 -8.78 -15.05
N SER A 242 -8.75 -9.00 -16.20
CA SER A 242 -7.46 -9.70 -16.27
C SER A 242 -6.28 -8.88 -15.79
N TRP A 243 -5.21 -9.56 -15.36
CA TRP A 243 -4.04 -8.83 -14.92
C TRP A 243 -3.44 -8.02 -16.08
N GLN A 244 -3.63 -8.52 -17.31
CA GLN A 244 -3.13 -7.84 -18.50
C GLN A 244 -3.84 -6.51 -18.68
N THR A 245 -5.15 -6.54 -18.48
CA THR A 245 -5.96 -5.35 -18.60
C THR A 245 -5.50 -4.28 -17.61
N ARG A 246 -5.26 -4.70 -16.37
CA ARG A 246 -4.79 -3.79 -15.33
C ARG A 246 -3.38 -3.21 -15.67
N ALA A 247 -2.46 -4.10 -16.10
CA ALA A 247 -1.09 -3.72 -16.45
C ALA A 247 -1.08 -2.70 -17.57
N LEU A 248 -2.00 -2.83 -18.52
CA LEU A 248 -2.08 -1.91 -19.65
C LEU A 248 -2.39 -0.49 -19.25
N LEU A 249 -3.03 -0.31 -18.10
CA LEU A 249 -3.32 1.04 -17.65
C LEU A 249 -2.00 1.71 -17.29
N ILE A 250 -1.00 0.91 -16.93
CA ILE A 250 0.28 1.51 -16.58
C ILE A 250 0.85 2.13 -17.85
N LYS A 251 0.77 1.36 -18.93
CA LYS A 251 1.28 1.84 -20.19
C LYS A 251 0.46 3.05 -20.67
N ALA A 252 -0.86 2.98 -20.48
CA ALA A 252 -1.71 4.10 -20.90
C ALA A 252 -1.29 5.40 -20.23
N LEU A 253 -0.97 5.33 -18.93
CA LEU A 253 -0.56 6.51 -18.20
C LEU A 253 0.78 7.04 -18.65
N ILE A 254 1.65 6.12 -18.98
CA ILE A 254 2.96 6.51 -19.46
C ILE A 254 2.77 7.23 -20.81
N ASP A 255 1.98 6.62 -21.67
CA ASP A 255 1.70 7.18 -22.99
C ASP A 255 1.12 8.59 -22.94
N GLN A 256 0.38 8.89 -21.85
CA GLN A 256 -0.25 10.19 -21.63
C GLN A 256 0.72 11.20 -21.01
N GLY A 257 1.92 10.72 -20.71
CA GLY A 257 2.97 11.54 -20.13
C GLY A 257 3.04 11.56 -18.62
N TYR A 258 2.44 10.60 -17.94
CA TYR A 258 2.51 10.65 -16.48
C TYR A 258 3.40 9.65 -15.82
N MET A 259 4.45 9.26 -16.51
CA MET A 259 5.37 8.29 -15.98
C MET A 259 5.90 8.59 -14.58
N LYS A 260 6.07 9.88 -14.29
CA LYS A 260 6.61 10.27 -13.00
C LYS A 260 5.62 10.19 -11.88
N GLN A 261 4.36 9.90 -12.20
CA GLN A 261 3.32 9.87 -11.15
C GLN A 261 2.87 8.47 -10.83
N ILE A 262 3.46 7.51 -11.44
CA ILE A 262 2.93 6.19 -11.26
C ILE A 262 3.70 5.39 -10.23
N LEU A 263 2.95 4.65 -9.42
CA LEU A 263 3.53 3.76 -8.42
C LEU A 263 2.87 2.39 -8.65
N VAL A 264 3.65 1.32 -8.72
CA VAL A 264 3.08 -0.01 -8.93
C VAL A 264 3.32 -1.00 -7.77
N SER A 265 2.35 -1.88 -7.53
CA SER A 265 2.49 -2.85 -6.46
C SER A 265 1.55 -4.00 -6.67
N ASN A 266 1.48 -4.93 -5.70
CA ASN A 266 0.62 -6.11 -5.80
C ASN A 266 -0.49 -6.17 -4.78
N ASP A 267 -0.37 -5.41 -3.70
CA ASP A 267 -1.37 -5.45 -2.66
C ASP A 267 -1.49 -6.91 -2.22
N TRP A 268 -0.32 -7.57 -2.10
CA TRP A 268 -0.27 -8.98 -1.71
C TRP A 268 -0.19 -9.17 -0.17
N LEU A 269 -0.25 -10.40 0.30
CA LEU A 269 -0.19 -10.72 1.73
C LEU A 269 0.15 -12.18 1.94
N PHE A 270 0.56 -12.52 3.17
CA PHE A 270 0.92 -13.90 3.46
C PHE A 270 -0.07 -14.53 4.37
N GLY A 271 -0.88 -13.72 5.01
CA GLY A 271 -1.92 -14.15 5.92
C GLY A 271 -3.10 -13.20 5.73
N PHE A 272 -4.33 -13.67 5.85
CA PHE A 272 -5.49 -12.80 5.64
C PHE A 272 -6.67 -13.32 6.48
N SER A 273 -6.94 -12.70 7.62
CA SER A 273 -8.02 -13.10 8.53
C SER A 273 -9.26 -12.25 8.40
N SER A 274 -9.12 -11.08 7.77
CA SER A 274 -10.23 -10.18 7.62
C SER A 274 -11.16 -10.47 6.45
N TYR A 275 -11.22 -11.72 6.02
CA TYR A 275 -12.11 -12.10 4.93
C TYR A 275 -12.56 -13.52 5.20
N VAL A 276 -13.15 -14.18 4.19
CA VAL A 276 -13.60 -15.53 4.36
C VAL A 276 -12.43 -16.44 4.67
N THR A 277 -12.77 -17.49 5.40
CA THR A 277 -11.75 -18.46 5.78
C THR A 277 -11.19 -19.11 4.52
N ASN A 278 -9.90 -19.40 4.50
CA ASN A 278 -9.32 -20.05 3.33
C ASN A 278 -9.11 -19.18 2.07
N ILE A 279 -9.36 -17.87 2.19
CA ILE A 279 -9.15 -16.96 1.08
C ILE A 279 -7.70 -17.01 0.62
N MET A 280 -6.72 -17.16 1.55
CA MET A 280 -5.31 -17.21 1.13
C MET A 280 -5.02 -18.31 0.17
N ASP A 281 -5.66 -19.47 0.38
CA ASP A 281 -5.45 -20.60 -0.51
C ASP A 281 -5.86 -20.25 -1.92
N VAL A 282 -6.98 -19.59 -2.02
CA VAL A 282 -7.48 -19.18 -3.29
C VAL A 282 -6.51 -18.21 -3.94
N MET A 283 -6.06 -17.24 -3.15
CA MET A 283 -5.13 -16.23 -3.66
C MET A 283 -3.78 -16.77 -4.12
N ASP A 284 -3.25 -17.70 -3.34
CA ASP A 284 -1.98 -18.30 -3.70
C ASP A 284 -2.12 -19.10 -5.01
N ARG A 285 -3.31 -19.64 -5.30
CA ARG A 285 -3.53 -20.40 -6.52
C ARG A 285 -3.56 -19.45 -7.71
N VAL A 286 -4.20 -18.32 -7.48
CA VAL A 286 -4.34 -17.27 -8.46
C VAL A 286 -2.99 -16.66 -8.79
N ASN A 287 -2.16 -16.38 -7.79
CA ASN A 287 -0.85 -15.76 -8.05
C ASN A 287 0.23 -16.37 -7.19
N PRO A 288 0.75 -17.50 -7.65
CA PRO A 288 1.81 -18.18 -6.94
C PRO A 288 3.06 -17.35 -6.82
N ASP A 289 3.26 -16.38 -7.72
CA ASP A 289 4.46 -15.57 -7.64
C ASP A 289 4.40 -14.60 -6.47
N GLY A 290 3.21 -14.45 -5.90
CA GLY A 290 3.06 -13.54 -4.77
C GLY A 290 3.59 -12.16 -5.09
N MET A 291 4.47 -11.60 -4.21
CA MET A 291 5.01 -10.26 -4.46
C MET A 291 5.99 -10.12 -5.63
N ALA A 292 6.53 -11.23 -6.14
CA ALA A 292 7.48 -11.22 -7.25
C ALA A 292 6.73 -11.08 -8.58
N PHE A 293 5.40 -11.04 -8.48
CA PHE A 293 4.57 -10.92 -9.65
C PHE A 293 4.94 -9.71 -10.51
N ILE A 294 5.11 -8.54 -9.89
CA ILE A 294 5.47 -7.35 -10.67
C ILE A 294 6.77 -7.51 -11.48
N PRO A 295 7.88 -7.83 -10.83
CA PRO A 295 9.15 -7.96 -11.58
C PRO A 295 9.22 -9.14 -12.53
N LEU A 296 8.61 -10.23 -12.15
CA LEU A 296 8.65 -11.41 -12.98
C LEU A 296 7.67 -11.40 -14.11
N ARG A 297 6.49 -10.83 -13.90
CA ARG A 297 5.50 -10.84 -14.94
C ARG A 297 5.12 -9.54 -15.58
N VAL A 298 4.91 -8.53 -14.77
CA VAL A 298 4.48 -7.26 -15.28
C VAL A 298 5.54 -6.51 -16.08
N ILE A 299 6.74 -6.45 -15.53
CA ILE A 299 7.86 -5.74 -16.16
C ILE A 299 8.14 -6.25 -17.59
N PRO A 300 8.36 -7.55 -17.72
CA PRO A 300 8.61 -8.12 -19.03
C PRO A 300 7.44 -7.86 -19.96
N PHE A 301 6.22 -7.98 -19.43
CA PHE A 301 5.04 -7.76 -20.22
C PHE A 301 5.03 -6.37 -20.84
N LEU A 302 5.35 -5.39 -20.02
CA LEU A 302 5.37 -4.02 -20.45
C LEU A 302 6.47 -3.77 -21.46
N ARG A 303 7.61 -4.36 -21.21
CA ARG A 303 8.76 -4.25 -22.09
C ARG A 303 8.35 -4.73 -23.49
N GLU A 304 7.68 -5.87 -23.50
CA GLU A 304 7.18 -6.51 -24.72
C GLU A 304 6.19 -5.61 -25.43
N LYS A 305 5.45 -4.82 -24.66
CA LYS A 305 4.47 -3.90 -25.24
C LYS A 305 5.10 -2.62 -25.68
N GLY A 306 6.43 -2.55 -25.68
CA GLY A 306 7.08 -1.32 -26.12
C GLY A 306 7.52 -0.33 -25.05
N VAL A 307 7.32 -0.61 -23.73
CA VAL A 307 7.76 0.36 -22.72
C VAL A 307 9.25 0.18 -22.51
N PRO A 308 10.01 1.28 -22.63
CA PRO A 308 11.45 1.24 -22.45
C PRO A 308 11.85 0.79 -21.05
N GLN A 309 12.89 -0.01 -21.00
CA GLN A 309 13.37 -0.52 -19.74
C GLN A 309 13.66 0.60 -18.74
N GLU A 310 14.22 1.72 -19.24
CA GLU A 310 14.56 2.89 -18.44
C GLU A 310 13.34 3.48 -17.78
N THR A 311 12.24 3.51 -18.51
CA THR A 311 11.02 4.07 -17.94
C THR A 311 10.55 3.21 -16.79
N LEU A 312 10.64 1.92 -17.03
CA LEU A 312 10.23 0.96 -16.03
C LEU A 312 11.05 1.10 -14.74
N ALA A 313 12.34 1.33 -14.89
CA ALA A 313 13.21 1.50 -13.75
C ALA A 313 12.87 2.75 -12.97
N GLY A 314 12.48 3.80 -13.69
CA GLY A 314 12.13 5.04 -13.03
C GLY A 314 10.85 4.88 -12.23
N ILE A 315 9.95 4.04 -12.71
CA ILE A 315 8.72 3.83 -11.99
C ILE A 315 8.90 3.01 -10.70
N THR A 316 9.76 1.97 -10.76
CA THR A 316 10.00 1.07 -9.62
C THR A 316 11.09 1.49 -8.60
N VAL A 317 11.95 2.43 -9.02
CA VAL A 317 13.03 2.91 -8.17
C VAL A 317 12.91 4.38 -7.87
N THR A 318 12.95 5.21 -8.91
CA THR A 318 12.89 6.64 -8.74
C THR A 318 11.65 7.23 -8.14
N ASN A 319 10.50 6.87 -8.69
CA ASN A 319 9.26 7.41 -8.18
C ASN A 319 9.09 7.13 -6.69
N PRO A 320 9.31 5.86 -6.27
CA PRO A 320 9.14 5.57 -4.86
C PRO A 320 10.08 6.34 -3.96
N ALA A 321 11.33 6.53 -4.39
CA ALA A 321 12.29 7.24 -3.57
C ALA A 321 11.83 8.68 -3.35
N ARG A 322 11.36 9.28 -4.41
CA ARG A 322 10.87 10.64 -4.34
C ARG A 322 9.63 10.73 -3.43
N PHE A 323 8.71 9.78 -3.55
CA PHE A 323 7.51 9.76 -2.74
C PHE A 323 7.77 9.56 -1.24
N LEU A 324 8.58 8.54 -0.98
CA LEU A 324 8.91 8.17 0.37
C LEU A 324 9.75 9.15 1.15
N SER A 325 10.60 9.88 0.45
CA SER A 325 11.44 10.85 1.17
C SER A 325 10.60 11.90 1.87
N PRO A 326 10.72 12.00 3.20
CA PRO A 326 9.97 12.98 3.94
C PRO A 326 10.23 14.37 3.34
N THR A 327 9.17 15.11 3.02
CA THR A 327 9.36 16.42 2.42
C THR A 327 8.42 17.46 2.95
N LEU A 328 9.01 18.51 3.53
CA LEU A 328 8.21 19.59 4.07
C LEU A 328 7.88 20.61 2.96
N ARG A 329 6.67 21.14 3.00
CA ARG A 329 6.24 22.11 2.02
C ARG A 329 6.92 23.46 2.27
N ALA A 330 7.21 24.19 1.20
CA ALA A 330 7.85 25.48 1.36
C ALA A 330 6.94 26.55 1.97
ZN ZN B . -3.80 -3.04 0.90
ZN ZN C . -6.76 -1.41 0.20
P1 TEN D . -8.39 -5.59 1.48
O1 TEN D . -8.27 -4.11 1.58
O2 TEN D . -9.90 -6.03 1.60
C1 TEN D . -10.05 -7.04 2.60
C2 TEN D . -11.45 -7.08 3.22
O3 TEN D . -7.56 -6.29 2.63
C3 TEN D . -6.57 -5.37 3.08
C4 TEN D . -5.52 -5.98 4.00
O4 TEN D . -7.81 -6.13 0.11
C5 TEN D . -7.19 -7.38 0.37
C6 TEN D . -5.86 -7.69 -0.33
C1' PEL E . 14.49 -3.53 -12.00
C2' PEL E . 14.34 -4.74 -12.61
C3' PEL E . 13.59 -4.65 -13.91
C4' PEL E . 13.09 -3.49 -14.46
C5' PEL E . 13.33 -2.29 -13.66
C6' PEL E . 14.04 -2.29 -12.41
CA PEL E . 15.27 -3.67 -10.67
C PEL E . 16.21 -5.02 -10.86
OXT PEL E . 17.60 -4.69 -10.38
#